data_4UZ2
#
_entry.id   4UZ2
#
_cell.length_a   122.930
_cell.length_b   122.930
_cell.length_c   76.810
_cell.angle_alpha   90.00
_cell.angle_beta   90.00
_cell.angle_gamma   90.00
#
_symmetry.space_group_name_H-M   'P 42 21 2'
#
loop_
_entity.id
_entity.type
_entity.pdbx_description
1 polymer 'CELL WALL-BINDING ENDOPEPTIDASE-RELATED PROTEIN'
2 water water
#
_entity_poly.entity_id   1
_entity_poly.type   'polypeptide(L)'
_entity_poly.pdbx_seq_one_letter_code
;GQATYTVAPGDTLYSIARRYGTTVEELMRLNGLESFLLQPGQVLKLPSRERTHVVAPGDTLFSLARRYGTTVEALMRLNG
LSSPEIKVGQVLRLPEEGEA
;
_entity_poly.pdbx_strand_id   A,B,C,D
#
# COMPACT_ATOMS: atom_id res chain seq x y z
N GLN A 2 4.43 -27.42 -21.81
CA GLN A 2 4.59 -28.57 -22.69
C GLN A 2 4.78 -29.86 -21.90
N ALA A 3 3.85 -30.79 -22.05
CA ALA A 3 3.91 -32.06 -21.33
C ALA A 3 4.64 -33.13 -22.14
N THR A 4 5.58 -33.82 -21.49
CA THR A 4 6.33 -34.88 -22.15
C THR A 4 6.26 -36.19 -21.35
N TYR A 5 6.83 -37.24 -21.92
CA TYR A 5 6.83 -38.57 -21.30
C TYR A 5 8.03 -39.40 -21.72
N THR A 6 8.68 -40.03 -20.75
CA THR A 6 9.81 -40.90 -21.03
C THR A 6 9.36 -42.32 -21.32
N VAL A 7 9.69 -42.81 -22.50
CA VAL A 7 9.29 -44.16 -22.91
C VAL A 7 9.91 -45.22 -22.02
N ALA A 8 9.06 -46.08 -21.46
CA ALA A 8 9.50 -47.16 -20.59
C ALA A 8 9.53 -48.48 -21.36
N PRO A 9 10.36 -49.44 -20.91
CA PRO A 9 10.40 -50.76 -21.56
C PRO A 9 9.03 -51.43 -21.63
N GLY A 10 8.58 -51.72 -22.85
CA GLY A 10 7.27 -52.33 -23.04
C GLY A 10 6.26 -51.36 -23.64
N ASP A 11 6.63 -50.09 -23.71
CA ASP A 11 5.74 -49.06 -24.26
C ASP A 11 5.71 -49.07 -25.77
N THR A 12 4.55 -48.74 -26.32
CA THR A 12 4.39 -48.53 -27.75
C THR A 12 3.58 -47.25 -27.97
N LEU A 13 3.58 -46.75 -29.20
CA LEU A 13 2.86 -45.52 -29.51
C LEU A 13 1.37 -45.65 -29.19
N TYR A 14 0.83 -46.85 -29.35
CA TYR A 14 -0.58 -47.11 -29.05
C TYR A 14 -0.85 -47.26 -27.57
N SER A 15 0.11 -47.87 -26.86
CA SER A 15 -0.04 -48.11 -25.43
C SER A 15 0.00 -46.78 -24.65
N ILE A 16 0.80 -45.85 -25.14
CA ILE A 16 0.91 -44.53 -24.52
C ILE A 16 -0.29 -43.68 -24.90
N ALA A 17 -0.70 -43.78 -26.16
CA ALA A 17 -1.85 -43.03 -26.65
C ALA A 17 -3.13 -43.38 -25.89
N ARG A 18 -3.28 -44.67 -25.59
CA ARG A 18 -4.44 -45.14 -24.83
C ARG A 18 -4.51 -44.52 -23.46
N ARG A 19 -3.36 -44.41 -22.79
CA ARG A 19 -3.29 -43.86 -21.45
C ARG A 19 -3.71 -42.40 -21.37
N TYR A 20 -3.19 -41.60 -22.28
CA TYR A 20 -3.40 -40.16 -22.21
C TYR A 20 -4.49 -39.68 -23.18
N GLY A 21 -5.34 -40.60 -23.59
CA GLY A 21 -6.51 -40.28 -24.40
C GLY A 21 -6.21 -39.56 -25.70
N THR A 22 -5.25 -40.07 -26.46
CA THR A 22 -4.91 -39.50 -27.75
C THR A 22 -4.72 -40.60 -28.79
N THR A 23 -4.35 -40.21 -30.01
CA THR A 23 -4.17 -41.17 -31.09
C THR A 23 -2.69 -41.39 -31.40
N VAL A 24 -2.40 -42.48 -32.11
CA VAL A 24 -1.03 -42.80 -32.49
C VAL A 24 -0.49 -41.74 -33.46
N GLU A 25 -1.33 -41.31 -34.38
CA GLU A 25 -0.94 -40.32 -35.38
C GLU A 25 -0.58 -38.99 -34.73
N GLU A 26 -1.39 -38.56 -33.78
CA GLU A 26 -1.17 -37.29 -33.10
C GLU A 26 0.15 -37.29 -32.34
N LEU A 27 0.48 -38.43 -31.73
CA LEU A 27 1.76 -38.58 -31.04
C LEU A 27 2.93 -38.46 -32.02
N MET A 28 2.79 -39.08 -33.19
CA MET A 28 3.82 -39.03 -34.21
C MET A 28 3.87 -37.67 -34.89
N ARG A 29 2.70 -37.04 -35.02
CA ARG A 29 2.61 -35.74 -35.68
C ARG A 29 3.26 -34.65 -34.83
N LEU A 30 3.13 -34.77 -33.51
CA LEU A 30 3.66 -33.77 -32.60
C LEU A 30 5.14 -34.00 -32.33
N ASN A 31 5.59 -35.23 -32.53
CA ASN A 31 7.00 -35.58 -32.31
C ASN A 31 7.79 -35.65 -33.61
N GLY A 32 7.08 -35.59 -34.73
CA GLY A 32 7.71 -35.64 -36.04
C GLY A 32 8.27 -37.02 -36.35
N LEU A 33 7.64 -38.04 -35.78
CA LEU A 33 8.08 -39.42 -35.98
C LEU A 33 7.57 -39.99 -37.30
N GLU A 34 8.26 -41.01 -37.80
CA GLU A 34 7.85 -41.69 -39.02
C GLU A 34 7.84 -43.22 -38.80
N SER A 35 8.38 -43.64 -37.66
CA SER A 35 8.44 -45.05 -37.33
C SER A 35 7.65 -45.37 -36.07
N PHE A 36 7.15 -46.59 -35.98
CA PHE A 36 6.40 -47.05 -34.81
C PHE A 36 7.34 -47.51 -33.71
N LEU A 37 8.63 -47.55 -34.03
CA LEU A 37 9.65 -47.98 -33.07
C LEU A 37 9.85 -46.96 -31.95
N LEU A 38 9.96 -47.46 -30.72
CA LEU A 38 10.19 -46.59 -29.57
C LEU A 38 11.35 -47.11 -28.72
N GLN A 39 12.39 -46.31 -28.59
CA GLN A 39 13.54 -46.67 -27.77
C GLN A 39 13.25 -46.40 -26.30
N PRO A 40 13.48 -47.40 -25.44
CA PRO A 40 13.30 -47.23 -23.99
C PRO A 40 14.18 -46.11 -23.44
N GLY A 41 13.55 -44.99 -23.08
CA GLY A 41 14.27 -43.84 -22.59
C GLY A 41 14.04 -42.62 -23.47
N GLN A 42 13.38 -42.84 -24.61
CA GLN A 42 13.04 -41.75 -25.52
C GLN A 42 12.00 -40.84 -24.89
N VAL A 43 12.11 -39.54 -25.17
CA VAL A 43 11.16 -38.56 -24.65
C VAL A 43 10.12 -38.17 -25.70
N LEU A 44 8.86 -38.51 -25.43
CA LEU A 44 7.77 -38.17 -26.32
C LEU A 44 7.02 -36.94 -25.83
N LYS A 45 6.64 -36.07 -26.75
CA LYS A 45 5.78 -34.93 -26.42
C LYS A 45 4.33 -35.39 -26.33
N LEU A 46 3.65 -34.98 -25.27
CA LEU A 46 2.25 -35.33 -25.08
C LEU A 46 1.34 -34.21 -25.56
N PRO A 47 0.15 -34.56 -26.08
CA PRO A 47 -0.83 -33.55 -26.47
C PRO A 47 -1.29 -32.74 -25.25
N SER A 48 -1.36 -31.42 -25.40
CA SER A 48 -1.66 -30.54 -24.27
C SER A 48 -3.03 -30.83 -23.66
N ARG A 49 -3.05 -30.92 -22.33
CA ARG A 49 -4.30 -31.11 -21.61
C ARG A 49 -4.54 -29.89 -20.73
N GLU A 50 -5.81 -29.51 -20.60
CA GLU A 50 -6.17 -28.30 -19.87
C GLU A 50 -5.81 -28.41 -18.41
N ARG A 51 -5.04 -27.44 -17.91
CA ARG A 51 -4.66 -27.42 -16.50
C ARG A 51 -5.84 -27.00 -15.65
N THR A 52 -5.67 -27.13 -14.33
CA THR A 52 -6.77 -26.89 -13.40
C THR A 52 -6.26 -26.32 -12.09
N HIS A 53 -7.05 -25.45 -11.46
CA HIS A 53 -6.70 -24.89 -10.16
C HIS A 53 -7.92 -24.80 -9.26
N VAL A 54 -7.76 -25.28 -8.03
CA VAL A 54 -8.79 -25.13 -7.00
C VAL A 54 -8.47 -23.90 -6.17
N VAL A 55 -9.27 -22.84 -6.34
CA VAL A 55 -9.03 -21.55 -5.68
C VAL A 55 -8.77 -21.71 -4.19
N ALA A 56 -7.57 -21.28 -3.78
CA ALA A 56 -7.14 -21.37 -2.39
C ALA A 56 -7.23 -20.01 -1.70
N PRO A 57 -7.25 -19.99 -0.36
CA PRO A 57 -7.28 -18.71 0.37
C PRO A 57 -6.20 -17.73 -0.07
N GLY A 58 -6.62 -16.52 -0.42
CA GLY A 58 -5.68 -15.47 -0.82
C GLY A 58 -5.54 -15.33 -2.32
N ASP A 59 -6.10 -16.28 -3.07
CA ASP A 59 -6.02 -16.23 -4.53
C ASP A 59 -6.92 -15.14 -5.12
N THR A 60 -6.39 -14.48 -6.15
CA THR A 60 -7.19 -13.60 -6.98
C THR A 60 -7.01 -14.04 -8.42
N LEU A 61 -7.90 -13.58 -9.30
CA LEU A 61 -7.77 -13.90 -10.72
C LEU A 61 -6.45 -13.35 -11.26
N PHE A 62 -6.03 -12.21 -10.74
CA PHE A 62 -4.77 -11.61 -11.13
C PHE A 62 -3.58 -12.50 -10.75
N SER A 63 -3.55 -12.93 -9.50
CA SER A 63 -2.44 -13.77 -9.02
C SER A 63 -2.39 -15.11 -9.75
N LEU A 64 -3.55 -15.71 -9.98
CA LEU A 64 -3.62 -16.97 -10.71
C LEU A 64 -3.20 -16.80 -12.17
N ALA A 65 -3.61 -15.68 -12.78
CA ALA A 65 -3.27 -15.40 -14.16
C ALA A 65 -1.76 -15.23 -14.33
N ARG A 66 -1.17 -14.48 -13.40
CA ARG A 66 0.27 -14.23 -13.43
C ARG A 66 1.03 -15.52 -13.15
N ARG A 67 0.50 -16.33 -12.23
CA ARG A 67 1.13 -17.58 -11.86
C ARG A 67 1.19 -18.56 -13.03
N TYR A 68 0.11 -18.64 -13.78
CA TYR A 68 0.01 -19.63 -14.85
C TYR A 68 0.28 -19.04 -16.22
N GLY A 69 0.94 -17.88 -16.24
CA GLY A 69 1.37 -17.26 -17.48
C GLY A 69 0.26 -16.86 -18.44
N THR A 70 -0.89 -16.48 -17.89
CA THR A 70 -2.00 -16.00 -18.72
C THR A 70 -2.51 -14.65 -18.21
N THR A 71 -3.69 -14.26 -18.64
CA THR A 71 -4.27 -12.98 -18.24
C THR A 71 -5.62 -13.16 -17.57
N VAL A 72 -6.00 -12.18 -16.76
CA VAL A 72 -7.31 -12.15 -16.11
C VAL A 72 -8.44 -12.37 -17.11
N GLU A 73 -8.38 -11.60 -18.20
CA GLU A 73 -9.36 -11.68 -19.28
C GLU A 73 -9.54 -13.11 -19.79
N ALA A 74 -8.43 -13.76 -20.12
CA ALA A 74 -8.46 -15.11 -20.67
C ALA A 74 -8.99 -16.12 -19.65
N LEU A 75 -8.64 -15.90 -18.39
CA LEU A 75 -9.11 -16.76 -17.31
C LEU A 75 -10.62 -16.73 -17.20
N MET A 76 -11.17 -15.53 -17.16
CA MET A 76 -12.61 -15.33 -17.04
C MET A 76 -13.37 -15.90 -18.23
N ARG A 77 -12.82 -15.68 -19.43
CA ARG A 77 -13.47 -16.17 -20.65
C ARG A 77 -13.57 -17.69 -20.64
N LEU A 78 -12.47 -18.34 -20.27
CA LEU A 78 -12.42 -19.80 -20.27
C LEU A 78 -13.43 -20.38 -19.29
N ASN A 79 -13.68 -19.67 -18.20
CA ASN A 79 -14.57 -20.15 -17.16
C ASN A 79 -15.95 -19.49 -17.20
N GLY A 80 -16.20 -18.69 -18.23
CA GLY A 80 -17.48 -18.02 -18.40
C GLY A 80 -17.84 -17.07 -17.28
N LEU A 81 -16.84 -16.37 -16.75
CA LEU A 81 -17.04 -15.45 -15.64
C LEU A 81 -17.39 -14.04 -16.12
N SER A 82 -18.31 -13.39 -15.40
CA SER A 82 -18.75 -12.04 -15.75
C SER A 82 -18.21 -11.00 -14.78
N SER A 83 -17.79 -11.47 -13.61
CA SER A 83 -17.22 -10.61 -12.57
C SER A 83 -15.93 -11.24 -12.03
N PRO A 84 -15.00 -10.41 -11.56
CA PRO A 84 -13.69 -10.88 -11.10
C PRO A 84 -13.70 -11.71 -9.80
N GLU A 85 -14.80 -11.71 -9.08
CA GLU A 85 -14.86 -12.43 -7.80
C GLU A 85 -14.62 -13.93 -7.96
N ILE A 86 -13.85 -14.52 -7.06
CA ILE A 86 -13.71 -15.97 -6.99
C ILE A 86 -13.82 -16.45 -5.54
N LYS A 87 -14.32 -17.66 -5.37
CA LYS A 87 -14.55 -18.22 -4.04
C LYS A 87 -13.57 -19.36 -3.73
N VAL A 88 -13.17 -19.47 -2.48
CA VAL A 88 -12.32 -20.57 -2.06
C VAL A 88 -13.02 -21.90 -2.32
N GLY A 89 -12.36 -22.78 -3.07
CA GLY A 89 -12.92 -24.07 -3.41
C GLY A 89 -13.43 -24.14 -4.83
N GLN A 90 -13.48 -22.98 -5.49
CA GLN A 90 -13.92 -22.89 -6.87
C GLN A 90 -12.88 -23.52 -7.79
N VAL A 91 -13.32 -24.37 -8.71
CA VAL A 91 -12.44 -25.01 -9.66
C VAL A 91 -12.35 -24.21 -10.95
N LEU A 92 -11.15 -23.75 -11.29
CA LEU A 92 -10.95 -22.95 -12.49
C LEU A 92 -10.21 -23.70 -13.57
N ARG A 93 -10.72 -23.63 -14.79
CA ARG A 93 -9.99 -24.13 -15.94
C ARG A 93 -8.92 -23.11 -16.32
N LEU A 94 -7.72 -23.58 -16.61
CA LEU A 94 -6.61 -22.68 -16.88
C LEU A 94 -6.22 -22.65 -18.35
N PRO A 95 -6.14 -21.45 -18.94
CA PRO A 95 -5.65 -21.29 -20.30
C PRO A 95 -4.18 -21.71 -20.40
N GLU A 96 -3.70 -21.96 -21.62
CA GLU A 96 -2.30 -22.30 -21.82
C GLU A 96 -1.42 -21.08 -21.57
N GLU A 97 -0.12 -21.31 -21.42
CA GLU A 97 0.80 -20.24 -21.03
C GLU A 97 0.98 -19.16 -22.09
N GLY A 98 0.35 -19.35 -23.25
CA GLY A 98 0.36 -18.34 -24.29
C GLY A 98 -0.99 -17.68 -24.44
N GLU A 99 -1.71 -17.57 -23.32
CA GLU A 99 -3.07 -17.02 -23.28
C GLU A 99 -4.04 -17.85 -24.11
N ALA A 100 -3.67 -19.09 -24.40
CA ALA A 100 -4.50 -19.98 -25.21
C ALA A 100 -5.48 -20.77 -24.36
N GLY B 1 -0.69 24.05 5.49
CA GLY B 1 0.30 23.93 6.55
C GLY B 1 1.67 23.56 6.02
N GLN B 2 2.69 23.72 6.86
CA GLN B 2 4.06 23.42 6.48
C GLN B 2 4.29 21.93 6.30
N ALA B 3 4.46 21.51 5.05
CA ALA B 3 4.72 20.10 4.74
C ALA B 3 6.15 19.72 5.09
N THR B 4 6.32 18.56 5.72
CA THR B 4 7.65 18.10 6.12
C THR B 4 7.91 16.66 5.70
N TYR B 5 9.16 16.24 5.84
CA TYR B 5 9.57 14.89 5.48
C TYR B 5 10.67 14.39 6.42
N THR B 6 10.54 13.13 6.83
CA THR B 6 11.53 12.50 7.69
C THR B 6 12.57 11.76 6.85
N VAL B 7 13.84 12.14 7.03
CA VAL B 7 14.94 11.55 6.28
C VAL B 7 15.11 10.06 6.58
N ALA B 8 14.92 9.24 5.55
CA ALA B 8 15.12 7.80 5.68
C ALA B 8 16.57 7.44 5.37
N PRO B 9 17.07 6.34 5.94
CA PRO B 9 18.44 5.88 5.68
C PRO B 9 18.70 5.64 4.20
N GLY B 10 19.69 6.35 3.65
CA GLY B 10 20.02 6.23 2.24
C GLY B 10 19.59 7.44 1.43
N ASP B 11 18.93 8.39 2.08
CA ASP B 11 18.48 9.61 1.41
C ASP B 11 19.54 10.70 1.46
N THR B 12 19.63 11.45 0.37
CA THR B 12 20.45 12.65 0.32
C THR B 12 19.54 13.85 0.07
N LEU B 13 20.10 15.05 0.12
CA LEU B 13 19.32 16.26 -0.15
C LEU B 13 18.92 16.32 -1.62
N TYR B 14 19.65 15.61 -2.47
CA TYR B 14 19.35 15.58 -3.89
C TYR B 14 18.22 14.61 -4.22
N SER B 15 18.25 13.44 -3.60
CA SER B 15 17.22 12.41 -3.86
C SER B 15 15.84 12.88 -3.42
N ILE B 16 15.80 13.63 -2.33
CA ILE B 16 14.55 14.19 -1.83
C ILE B 16 14.05 15.31 -2.75
N ALA B 17 14.99 16.14 -3.22
CA ALA B 17 14.67 17.24 -4.12
C ALA B 17 14.04 16.75 -5.42
N ARG B 18 14.63 15.69 -5.99
CA ARG B 18 14.06 15.05 -7.17
C ARG B 18 12.68 14.49 -6.87
N ARG B 19 12.54 13.89 -5.70
CA ARG B 19 11.30 13.26 -5.27
C ARG B 19 10.13 14.25 -5.25
N TYR B 20 10.39 15.45 -4.76
CA TYR B 20 9.33 16.44 -4.58
C TYR B 20 9.52 17.67 -5.47
N GLY B 21 10.16 17.46 -6.62
CA GLY B 21 10.25 18.47 -7.66
C GLY B 21 10.91 19.78 -7.30
N THR B 22 11.67 19.79 -6.21
CA THR B 22 12.37 20.99 -5.80
C THR B 22 13.87 20.86 -6.04
N THR B 23 14.62 21.89 -5.68
CA THR B 23 16.07 21.87 -5.88
C THR B 23 16.80 21.55 -4.58
N VAL B 24 18.08 21.25 -4.70
CA VAL B 24 18.90 20.93 -3.53
C VAL B 24 19.17 22.18 -2.72
N GLU B 25 19.28 23.33 -3.40
CA GLU B 25 19.57 24.59 -2.75
C GLU B 25 18.36 25.12 -1.98
N GLU B 26 17.17 24.95 -2.57
CA GLU B 26 15.94 25.44 -1.96
C GLU B 26 15.64 24.69 -0.65
N LEU B 27 15.97 23.42 -0.61
CA LEU B 27 15.79 22.62 0.60
C LEU B 27 16.62 23.17 1.75
N MET B 28 17.86 23.54 1.45
CA MET B 28 18.76 24.07 2.48
C MET B 28 18.37 25.48 2.88
N ARG B 29 17.80 26.23 1.94
CA ARG B 29 17.39 27.60 2.21
C ARG B 29 16.17 27.62 3.13
N LEU B 30 15.27 26.67 2.92
CA LEU B 30 14.03 26.59 3.69
C LEU B 30 14.30 26.01 5.08
N ASN B 31 15.28 25.13 5.19
CA ASN B 31 15.62 24.49 6.46
C ASN B 31 16.81 25.14 7.14
N GLY B 32 17.38 26.17 6.51
CA GLY B 32 18.52 26.88 7.06
C GLY B 32 19.74 25.99 7.22
N LEU B 33 20.01 25.17 6.21
CA LEU B 33 21.12 24.24 6.25
C LEU B 33 22.33 24.76 5.48
N GLU B 34 23.52 24.36 5.92
CA GLU B 34 24.76 24.70 5.23
C GLU B 34 25.61 23.45 5.05
N SER B 35 25.17 22.35 5.64
CA SER B 35 25.84 21.07 5.50
C SER B 35 25.01 20.13 4.64
N PHE B 36 25.66 19.45 3.71
CA PHE B 36 24.96 18.55 2.78
C PHE B 36 24.64 17.22 3.45
N LEU B 37 25.18 17.01 4.65
CA LEU B 37 25.01 15.74 5.35
C LEU B 37 23.66 15.69 6.06
N LEU B 38 22.96 14.57 5.90
CA LEU B 38 21.67 14.37 6.55
C LEU B 38 21.74 13.26 7.59
N GLN B 39 21.01 13.43 8.68
CA GLN B 39 20.96 12.45 9.75
C GLN B 39 19.70 11.61 9.67
N PRO B 40 19.78 10.34 10.09
CA PRO B 40 18.58 9.50 10.15
C PRO B 40 17.57 10.03 11.16
N GLY B 41 16.32 10.19 10.73
CA GLY B 41 15.27 10.70 11.61
C GLY B 41 15.18 12.21 11.60
N GLN B 42 16.02 12.85 10.78
CA GLN B 42 15.98 14.30 10.65
C GLN B 42 14.74 14.74 9.88
N VAL B 43 14.08 15.77 10.38
CA VAL B 43 12.88 16.30 9.73
C VAL B 43 13.22 17.50 8.86
N LEU B 44 12.92 17.39 7.57
CA LEU B 44 13.15 18.48 6.63
C LEU B 44 11.85 19.17 6.25
N LYS B 45 11.86 20.50 6.29
CA LYS B 45 10.73 21.28 5.80
C LYS B 45 10.67 21.21 4.28
N LEU B 46 9.58 20.68 3.75
CA LEU B 46 9.40 20.60 2.31
C LEU B 46 8.78 21.89 1.78
N PRO B 47 9.15 22.29 0.56
CA PRO B 47 8.50 23.43 -0.09
C PRO B 47 7.03 23.14 -0.31
N SER B 48 6.17 24.11 0.01
CA SER B 48 4.73 23.91 -0.10
C SER B 48 4.30 23.66 -1.53
N ARG B 49 3.51 22.61 -1.72
CA ARG B 49 2.92 22.35 -3.02
C ARG B 49 1.44 22.71 -2.97
N GLU B 50 0.86 23.02 -4.12
CA GLU B 50 -0.52 23.47 -4.16
C GLU B 50 -1.49 22.37 -3.75
N ARG B 51 -2.31 22.66 -2.74
CA ARG B 51 -3.34 21.73 -2.30
C ARG B 51 -4.51 21.77 -3.27
N THR B 52 -5.29 20.71 -3.29
CA THR B 52 -6.41 20.58 -4.22
C THR B 52 -7.64 20.07 -3.47
N HIS B 53 -8.83 20.48 -3.92
CA HIS B 53 -10.07 19.98 -3.33
C HIS B 53 -11.10 19.68 -4.42
N VAL B 54 -11.69 18.49 -4.36
CA VAL B 54 -12.76 18.11 -5.27
C VAL B 54 -14.10 18.38 -4.60
N VAL B 55 -14.83 19.36 -5.13
CA VAL B 55 -16.06 19.85 -4.50
C VAL B 55 -17.03 18.72 -4.16
N ALA B 56 -17.47 18.71 -2.91
CA ALA B 56 -18.38 17.68 -2.41
C ALA B 56 -19.74 18.31 -2.12
N PRO B 57 -20.80 17.48 -2.05
CA PRO B 57 -22.12 18.00 -1.68
C PRO B 57 -22.10 18.78 -0.37
N GLY B 58 -22.64 20.00 -0.40
CA GLY B 58 -22.68 20.85 0.78
C GLY B 58 -21.62 21.93 0.77
N ASP B 59 -20.54 21.71 0.02
CA ASP B 59 -19.43 22.65 -0.02
C ASP B 59 -19.80 23.98 -0.69
N THR B 60 -19.45 25.08 -0.04
CA THR B 60 -19.49 26.40 -0.67
C THR B 60 -18.08 26.98 -0.63
N LEU B 61 -17.82 27.96 -1.49
CA LEU B 61 -16.52 28.63 -1.48
C LEU B 61 -16.23 29.21 -0.11
N PHE B 62 -17.28 29.67 0.57
CA PHE B 62 -17.13 30.21 1.92
C PHE B 62 -16.70 29.14 2.92
N SER B 63 -17.36 27.99 2.88
CA SER B 63 -17.06 26.91 3.81
C SER B 63 -15.69 26.32 3.54
N LEU B 64 -15.29 26.31 2.26
CA LEU B 64 -13.98 25.79 1.88
C LEU B 64 -12.87 26.75 2.23
N ALA B 65 -13.14 28.05 2.12
CA ALA B 65 -12.15 29.08 2.44
C ALA B 65 -11.78 29.04 3.91
N ARG B 66 -12.79 28.88 4.78
CA ARG B 66 -12.53 28.82 6.21
C ARG B 66 -11.98 27.46 6.62
N ARG B 67 -12.24 26.44 5.80
CA ARG B 67 -11.70 25.11 6.05
C ARG B 67 -10.20 25.07 5.80
N TYR B 68 -9.77 25.69 4.70
CA TYR B 68 -8.37 25.66 4.32
C TYR B 68 -7.62 26.94 4.70
N GLY B 69 -8.23 27.74 5.57
CA GLY B 69 -7.58 28.89 6.15
C GLY B 69 -7.27 30.01 5.19
N THR B 70 -8.13 30.20 4.19
CA THR B 70 -7.95 31.28 3.22
C THR B 70 -9.26 32.06 3.06
N THR B 71 -9.37 32.83 1.98
CA THR B 71 -10.58 33.63 1.75
C THR B 71 -11.28 33.27 0.45
N VAL B 72 -12.56 33.62 0.37
CA VAL B 72 -13.37 33.41 -0.83
C VAL B 72 -12.71 34.06 -2.05
N GLU B 73 -12.23 35.28 -1.86
CA GLU B 73 -11.60 36.02 -2.95
C GLU B 73 -10.34 35.31 -3.46
N ALA B 74 -9.49 34.88 -2.53
CA ALA B 74 -8.27 34.16 -2.90
C ALA B 74 -8.60 32.89 -3.70
N LEU B 75 -9.58 32.13 -3.22
CA LEU B 75 -10.04 30.93 -3.91
C LEU B 75 -10.43 31.21 -5.35
N MET B 76 -11.28 32.20 -5.55
CA MET B 76 -11.76 32.54 -6.88
C MET B 76 -10.64 33.04 -7.76
N ARG B 77 -9.77 33.87 -7.20
CA ARG B 77 -8.67 34.44 -7.95
C ARG B 77 -7.74 33.35 -8.47
N LEU B 78 -7.43 32.38 -7.62
CA LEU B 78 -6.53 31.29 -7.99
C LEU B 78 -7.16 30.38 -9.03
N ASN B 79 -8.48 30.29 -9.03
CA ASN B 79 -9.19 29.40 -9.94
C ASN B 79 -9.81 30.14 -11.12
N GLY B 80 -9.50 31.42 -11.25
CA GLY B 80 -10.00 32.23 -12.35
C GLY B 80 -11.52 32.29 -12.41
N LEU B 81 -12.16 32.26 -11.25
CA LEU B 81 -13.62 32.30 -11.17
C LEU B 81 -14.12 33.74 -11.10
N SER B 82 -15.22 34.01 -11.81
CA SER B 82 -15.83 35.34 -11.83
C SER B 82 -17.04 35.41 -10.90
N SER B 83 -17.66 34.27 -10.66
CA SER B 83 -18.83 34.18 -9.79
C SER B 83 -18.62 33.07 -8.75
N PRO B 84 -19.19 33.25 -7.55
CA PRO B 84 -18.89 32.39 -6.40
C PRO B 84 -19.53 31.00 -6.41
N GLU B 85 -20.32 30.69 -7.43
CA GLU B 85 -20.99 29.39 -7.47
C GLU B 85 -20.03 28.26 -7.85
N ILE B 86 -20.17 27.13 -7.17
CA ILE B 86 -19.36 25.94 -7.50
C ILE B 86 -20.23 24.71 -7.63
N LYS B 87 -19.79 23.77 -8.45
CA LYS B 87 -20.56 22.55 -8.71
C LYS B 87 -19.86 21.33 -8.13
N VAL B 88 -20.63 20.31 -7.78
CA VAL B 88 -20.06 19.09 -7.22
C VAL B 88 -19.20 18.37 -8.26
N GLY B 89 -17.97 18.05 -7.90
CA GLY B 89 -17.05 17.39 -8.82
C GLY B 89 -16.04 18.37 -9.39
N GLN B 90 -16.27 19.65 -9.14
CA GLN B 90 -15.38 20.70 -9.59
C GLN B 90 -14.05 20.61 -8.85
N VAL B 91 -12.95 20.65 -9.60
CA VAL B 91 -11.63 20.61 -9.00
C VAL B 91 -11.14 22.02 -8.72
N LEU B 92 -10.92 22.31 -7.43
CA LEU B 92 -10.47 23.63 -7.02
C LEU B 92 -9.02 23.61 -6.56
N ARG B 93 -8.24 24.54 -7.10
CA ARG B 93 -6.89 24.78 -6.61
C ARG B 93 -6.99 25.59 -5.33
N LEU B 94 -6.17 25.26 -4.35
CA LEU B 94 -6.30 25.89 -3.03
C LEU B 94 -5.11 26.81 -2.72
N PRO B 95 -5.41 28.04 -2.28
CA PRO B 95 -4.39 28.96 -1.79
C PRO B 95 -3.74 28.43 -0.52
N GLU B 96 -2.55 28.95 -0.17
CA GLU B 96 -1.90 28.55 1.06
C GLU B 96 -2.62 29.14 2.26
N GLU B 97 -2.38 28.58 3.45
CA GLU B 97 -3.01 29.09 4.66
C GLU B 97 -2.53 30.50 4.98
N GLY B 98 -3.47 31.39 5.27
CA GLY B 98 -3.15 32.77 5.58
C GLY B 98 -3.21 33.67 4.35
N GLU B 99 -3.39 33.05 3.18
CA GLU B 99 -3.44 33.79 1.93
C GLU B 99 -4.78 34.50 1.76
N ALA B 100 -4.73 35.77 1.37
CA ALA B 100 -5.95 36.57 1.20
C ALA B 100 -6.07 37.11 -0.22
N GLN C 2 5.12 -0.78 -6.20
CA GLN C 2 6.26 -1.36 -6.89
C GLN C 2 5.83 -2.46 -7.86
N ALA C 3 5.82 -2.12 -9.15
CA ALA C 3 5.44 -3.08 -10.19
C ALA C 3 6.61 -3.40 -11.10
N THR C 4 6.42 -4.34 -12.01
CA THR C 4 7.47 -4.71 -12.96
C THR C 4 6.94 -4.74 -14.40
N TYR C 5 7.86 -4.60 -15.36
CA TYR C 5 7.50 -4.65 -16.76
C TYR C 5 8.40 -5.63 -17.51
N THR C 6 7.80 -6.46 -18.35
CA THR C 6 8.56 -7.40 -19.16
C THR C 6 8.87 -6.81 -20.52
N VAL C 7 10.15 -6.70 -20.85
CA VAL C 7 10.57 -6.05 -22.08
C VAL C 7 10.10 -6.83 -23.31
N ALA C 8 9.14 -6.25 -24.02
CA ALA C 8 8.67 -6.83 -25.28
C ALA C 8 9.68 -6.53 -26.37
N PRO C 9 9.70 -7.34 -27.44
CA PRO C 9 10.57 -7.04 -28.57
C PRO C 9 10.32 -5.66 -29.16
N GLY C 10 11.35 -4.83 -29.22
CA GLY C 10 11.22 -3.49 -29.77
C GLY C 10 11.13 -2.42 -28.70
N ASP C 11 11.28 -2.82 -27.44
CA ASP C 11 11.22 -1.87 -26.33
C ASP C 11 12.58 -1.27 -26.03
N THR C 12 12.65 0.07 -26.06
CA THR C 12 13.85 0.78 -25.63
C THR C 12 13.62 1.42 -24.27
N LEU C 13 14.70 1.80 -23.60
CA LEU C 13 14.62 2.39 -22.27
C LEU C 13 13.98 3.77 -22.31
N TYR C 14 13.81 4.31 -23.51
CA TYR C 14 13.16 5.60 -23.69
C TYR C 14 11.65 5.46 -23.82
N SER C 15 11.21 4.52 -24.64
CA SER C 15 9.78 4.30 -24.87
C SER C 15 9.08 3.83 -23.60
N ILE C 16 9.73 2.95 -22.85
CA ILE C 16 9.19 2.47 -21.58
C ILE C 16 9.11 3.61 -20.57
N ALA C 17 10.08 4.51 -20.63
CA ALA C 17 10.13 5.66 -19.72
C ALA C 17 8.96 6.61 -19.94
N ARG C 18 8.71 6.97 -21.20
CA ARG C 18 7.60 7.86 -21.54
C ARG C 18 6.25 7.25 -21.14
N ARG C 19 6.13 5.95 -21.34
CA ARG C 19 4.89 5.24 -21.05
C ARG C 19 4.57 5.27 -19.56
N TYR C 20 5.60 5.14 -18.73
CA TYR C 20 5.38 5.06 -17.29
C TYR C 20 5.90 6.28 -16.54
N GLY C 21 6.03 7.40 -17.26
CA GLY C 21 6.31 8.69 -16.65
C GLY C 21 7.56 8.76 -15.79
N THR C 22 8.63 8.11 -16.24
CA THR C 22 9.89 8.17 -15.53
C THR C 22 11.01 8.56 -16.51
N THR C 23 12.24 8.61 -16.01
CA THR C 23 13.38 8.93 -16.86
C THR C 23 14.12 7.66 -17.25
N VAL C 24 14.97 7.76 -18.26
CA VAL C 24 15.77 6.62 -18.70
C VAL C 24 16.81 6.28 -17.64
N GLU C 25 17.33 7.31 -16.99
CA GLU C 25 18.37 7.16 -15.99
C GLU C 25 17.84 6.44 -14.74
N GLU C 26 16.72 6.95 -14.21
CA GLU C 26 16.11 6.35 -13.03
C GLU C 26 15.67 4.92 -13.31
N LEU C 27 15.25 4.67 -14.55
CA LEU C 27 14.86 3.34 -14.97
C LEU C 27 16.05 2.39 -14.91
N MET C 28 17.23 2.92 -15.22
CA MET C 28 18.47 2.13 -15.14
C MET C 28 18.90 1.90 -13.70
N ARG C 29 18.83 2.95 -12.89
CA ARG C 29 19.32 2.92 -11.52
C ARG C 29 18.65 1.85 -10.66
N LEU C 30 17.32 1.78 -10.76
CA LEU C 30 16.55 0.84 -9.95
C LEU C 30 16.81 -0.60 -10.39
N ASN C 31 17.23 -0.78 -11.63
CA ASN C 31 17.48 -2.11 -12.18
C ASN C 31 18.95 -2.39 -12.37
N GLY C 32 19.80 -1.40 -12.11
CA GLY C 32 21.24 -1.55 -12.23
C GLY C 32 21.69 -1.71 -13.66
N LEU C 33 20.92 -1.16 -14.59
CA LEU C 33 21.26 -1.25 -16.02
C LEU C 33 22.39 -0.31 -16.39
N GLU C 34 23.30 -0.81 -17.23
CA GLU C 34 24.44 -0.01 -17.66
C GLU C 34 24.43 0.20 -19.17
N SER C 35 23.60 -0.58 -19.86
CA SER C 35 23.48 -0.50 -21.31
C SER C 35 22.14 0.11 -21.73
N PHE C 36 22.18 0.98 -22.73
CA PHE C 36 20.98 1.58 -23.28
C PHE C 36 20.18 0.55 -24.07
N LEU C 37 20.88 -0.41 -24.65
CA LEU C 37 20.25 -1.49 -25.39
C LEU C 37 19.52 -2.44 -24.45
N LEU C 38 18.34 -2.88 -24.84
CA LEU C 38 17.55 -3.81 -24.05
C LEU C 38 17.47 -5.18 -24.69
N GLN C 39 17.10 -6.18 -23.90
CA GLN C 39 16.95 -7.54 -24.39
C GLN C 39 15.54 -8.06 -24.12
N PRO C 40 14.82 -8.47 -25.18
CA PRO C 40 13.46 -8.99 -25.08
C PRO C 40 13.34 -10.16 -24.12
N GLY C 41 12.52 -10.01 -23.08
CA GLY C 41 12.35 -11.05 -22.08
C GLY C 41 12.79 -10.59 -20.70
N GLN C 42 13.62 -9.56 -20.67
CA GLN C 42 14.15 -9.01 -19.42
C GLN C 42 13.05 -8.33 -18.60
N VAL C 43 13.09 -8.55 -17.28
CA VAL C 43 12.11 -7.94 -16.39
C VAL C 43 12.67 -6.70 -15.70
N LEU C 44 12.03 -5.56 -15.94
CA LEU C 44 12.46 -4.30 -15.35
C LEU C 44 11.55 -3.91 -14.18
N LYS C 45 12.14 -3.32 -13.15
CA LYS C 45 11.39 -2.81 -12.01
C LYS C 45 10.94 -1.37 -12.28
N LEU C 46 9.63 -1.17 -12.38
CA LEU C 46 9.10 0.16 -12.69
C LEU C 46 9.14 1.07 -11.46
N PRO C 47 9.80 2.23 -11.60
CA PRO C 47 9.82 3.21 -10.50
C PRO C 47 8.41 3.75 -10.24
N SER C 48 8.20 4.30 -9.05
CA SER C 48 6.87 4.72 -8.64
C SER C 48 6.69 6.23 -8.77
N ARG C 49 5.52 6.63 -9.28
CA ARG C 49 5.11 8.02 -9.24
C ARG C 49 4.23 8.23 -8.02
N GLU C 50 4.14 9.46 -7.55
CA GLU C 50 3.36 9.75 -6.34
C GLU C 50 1.90 9.35 -6.53
N ARG C 51 1.33 8.73 -5.51
CA ARG C 51 -0.08 8.33 -5.52
C ARG C 51 -0.95 9.41 -4.89
N THR C 52 -2.22 9.43 -5.27
CA THR C 52 -3.15 10.44 -4.78
C THR C 52 -4.47 9.80 -4.36
N HIS C 53 -5.08 10.34 -3.31
CA HIS C 53 -6.39 9.87 -2.88
C HIS C 53 -7.34 11.04 -2.61
N VAL C 54 -8.56 10.92 -3.12
CA VAL C 54 -9.60 11.92 -2.87
C VAL C 54 -10.51 11.41 -1.76
N VAL C 55 -10.44 12.06 -0.59
CA VAL C 55 -11.15 11.62 0.60
C VAL C 55 -12.63 11.38 0.33
N ALA C 56 -13.05 10.12 0.51
CA ALA C 56 -14.42 9.71 0.30
C ALA C 56 -15.15 9.63 1.64
N PRO C 57 -16.49 9.58 1.63
CA PRO C 57 -17.24 9.43 2.88
C PRO C 57 -16.81 8.19 3.66
N GLY C 58 -16.44 8.35 4.92
CA GLY C 58 -16.03 7.23 5.75
C GLY C 58 -14.53 7.17 5.97
N ASP C 59 -13.77 7.70 5.01
CA ASP C 59 -12.32 7.70 5.11
C ASP C 59 -11.80 8.41 6.36
N THR C 60 -10.75 7.85 6.94
CA THR C 60 -9.99 8.51 8.00
C THR C 60 -8.53 8.47 7.63
N LEU C 61 -7.69 9.23 8.32
CA LEU C 61 -6.26 9.15 8.09
C LEU C 61 -5.74 7.76 8.43
N PHE C 62 -6.34 7.14 9.45
CA PHE C 62 -5.98 5.78 9.82
C PHE C 62 -6.31 4.78 8.72
N SER C 63 -7.58 4.75 8.32
CA SER C 63 -8.05 3.81 7.29
C SER C 63 -7.26 3.92 6.00
N LEU C 64 -6.83 5.15 5.67
CA LEU C 64 -6.04 5.37 4.46
C LEU C 64 -4.60 4.90 4.65
N ALA C 65 -4.03 5.15 5.81
CA ALA C 65 -2.66 4.73 6.11
C ALA C 65 -2.57 3.21 6.08
N ARG C 66 -3.61 2.55 6.57
CA ARG C 66 -3.70 1.10 6.54
C ARG C 66 -3.83 0.59 5.12
N ARG C 67 -4.68 1.26 4.35
CA ARG C 67 -4.97 0.88 2.97
C ARG C 67 -3.77 1.07 2.05
N TYR C 68 -3.04 2.16 2.24
CA TYR C 68 -1.94 2.50 1.33
C TYR C 68 -0.56 2.13 1.90
N GLY C 69 -0.56 1.31 2.95
CA GLY C 69 0.67 0.78 3.51
C GLY C 69 1.66 1.81 4.01
N THR C 70 1.15 2.89 4.59
CA THR C 70 1.98 3.95 5.13
C THR C 70 1.61 4.23 6.57
N THR C 71 2.10 5.33 7.13
CA THR C 71 1.74 5.71 8.50
C THR C 71 0.91 6.99 8.50
N VAL C 72 0.24 7.24 9.62
CA VAL C 72 -0.57 8.43 9.77
C VAL C 72 0.30 9.69 9.79
N GLU C 73 1.42 9.61 10.49
CA GLU C 73 2.34 10.73 10.60
C GLU C 73 2.90 11.12 9.23
N ALA C 74 3.28 10.11 8.45
CA ALA C 74 3.82 10.35 7.12
C ALA C 74 2.76 10.97 6.22
N LEU C 75 1.51 10.61 6.44
CA LEU C 75 0.41 11.19 5.68
C LEU C 75 0.22 12.67 6.02
N MET C 76 0.27 12.98 7.31
CA MET C 76 0.07 14.35 7.77
C MET C 76 1.24 15.25 7.40
N ARG C 77 2.45 14.72 7.52
CA ARG C 77 3.64 15.49 7.17
C ARG C 77 3.66 15.85 5.69
N LEU C 78 3.39 14.85 4.85
CA LEU C 78 3.45 15.03 3.40
C LEU C 78 2.45 16.09 2.94
N ASN C 79 1.32 16.16 3.62
CA ASN C 79 0.24 17.07 3.24
C ASN C 79 0.18 18.32 4.12
N GLY C 80 1.13 18.45 5.03
CA GLY C 80 1.20 19.62 5.89
C GLY C 80 0.05 19.76 6.85
N LEU C 81 -0.60 18.65 7.18
CA LEU C 81 -1.75 18.66 8.08
C LEU C 81 -1.31 18.82 9.54
N SER C 82 -2.00 19.69 10.27
CA SER C 82 -1.76 19.84 11.70
C SER C 82 -2.87 19.15 12.48
N SER C 83 -4.00 18.96 11.82
CA SER C 83 -5.15 18.27 12.42
C SER C 83 -5.40 16.94 11.71
N PRO C 84 -5.77 15.91 12.47
CA PRO C 84 -6.07 14.59 11.90
C PRO C 84 -7.39 14.58 11.13
N GLU C 85 -8.25 15.55 11.41
CA GLU C 85 -9.54 15.68 10.76
C GLU C 85 -9.40 15.86 9.24
N ILE C 86 -10.05 15.00 8.48
CA ILE C 86 -10.15 15.17 7.03
C ILE C 86 -11.61 15.28 6.62
N LYS C 87 -11.85 15.85 5.45
CA LYS C 87 -13.22 16.04 4.98
C LYS C 87 -13.40 15.53 3.56
N VAL C 88 -14.65 15.28 3.18
CA VAL C 88 -14.94 14.76 1.85
C VAL C 88 -14.52 15.75 0.77
N GLY C 89 -13.82 15.25 -0.24
CA GLY C 89 -13.34 16.07 -1.32
C GLY C 89 -11.89 16.50 -1.15
N GLN C 90 -11.36 16.30 0.05
CA GLN C 90 -9.98 16.65 0.32
C GLN C 90 -9.05 15.76 -0.49
N VAL C 91 -8.04 16.36 -1.11
CA VAL C 91 -7.12 15.60 -1.95
C VAL C 91 -5.80 15.38 -1.22
N LEU C 92 -5.49 14.12 -0.97
CA LEU C 92 -4.30 13.78 -0.20
C LEU C 92 -3.22 13.15 -1.06
N ARG C 93 -2.04 13.77 -1.04
CA ARG C 93 -0.85 13.16 -1.61
C ARG C 93 -0.44 12.01 -0.69
N LEU C 94 -0.04 10.88 -1.29
CA LEU C 94 0.25 9.69 -0.50
C LEU C 94 1.73 9.38 -0.46
N PRO C 95 2.26 9.05 0.73
CA PRO C 95 3.63 8.56 0.83
C PRO C 95 3.77 7.22 0.13
N GLU C 96 4.99 6.83 -0.20
CA GLU C 96 5.22 5.51 -0.79
C GLU C 96 5.08 4.43 0.28
N GLU C 97 4.85 3.19 -0.16
CA GLU C 97 4.70 2.06 0.74
C GLU C 97 5.93 1.83 1.61
N GLY C 98 5.72 1.69 2.92
CA GLY C 98 6.80 1.40 3.84
C GLY C 98 6.91 -0.08 4.12
N GLU C 99 6.06 -0.87 3.46
CA GLU C 99 6.01 -2.32 3.64
C GLU C 99 5.80 -2.70 5.10
N GLN D 2 -7.81 6.31 24.83
CA GLN D 2 -8.17 7.13 25.98
C GLN D 2 -9.67 7.09 26.23
N ALA D 3 -10.10 6.17 27.09
CA ALA D 3 -11.51 6.02 27.40
C ALA D 3 -11.90 6.85 28.62
N THR D 4 -13.20 7.05 28.81
CA THR D 4 -13.71 7.79 29.97
C THR D 4 -14.77 6.98 30.70
N TYR D 5 -14.98 7.30 31.97
CA TYR D 5 -16.02 6.65 32.76
C TYR D 5 -16.85 7.69 33.50
N THR D 6 -18.17 7.54 33.45
CA THR D 6 -19.08 8.45 34.13
C THR D 6 -19.46 7.91 35.50
N VAL D 7 -19.32 8.75 36.52
CA VAL D 7 -19.61 8.35 37.89
C VAL D 7 -21.10 8.08 38.11
N ALA D 8 -21.42 6.84 38.45
CA ALA D 8 -22.78 6.44 38.75
C ALA D 8 -23.04 6.53 40.24
N PRO D 9 -24.31 6.71 40.65
CA PRO D 9 -24.66 6.73 42.07
C PRO D 9 -24.21 5.47 42.80
N GLY D 10 -23.23 5.60 43.69
CA GLY D 10 -22.71 4.47 44.43
C GLY D 10 -21.23 4.26 44.18
N ASP D 11 -20.70 4.95 43.18
CA ASP D 11 -19.29 4.84 42.82
C ASP D 11 -18.39 5.62 43.77
N THR D 12 -17.21 5.07 44.04
CA THR D 12 -16.19 5.75 44.81
C THR D 12 -14.87 5.72 44.03
N LEU D 13 -13.91 6.53 44.43
CA LEU D 13 -12.60 6.53 43.79
C LEU D 13 -11.92 5.18 43.98
N TYR D 14 -12.18 4.55 45.13
CA TYR D 14 -11.63 3.24 45.43
C TYR D 14 -12.27 2.15 44.57
N SER D 15 -13.58 2.22 44.40
CA SER D 15 -14.31 1.20 43.63
C SER D 15 -14.00 1.30 42.14
N ILE D 16 -13.78 2.52 41.65
CA ILE D 16 -13.46 2.72 40.25
C ILE D 16 -12.03 2.30 39.94
N ALA D 17 -11.10 2.71 40.79
CA ALA D 17 -9.69 2.36 40.62
C ALA D 17 -9.48 0.85 40.62
N ARG D 18 -10.15 0.16 41.53
CA ARG D 18 -10.07 -1.29 41.62
C ARG D 18 -10.65 -1.95 40.36
N ARG D 19 -11.60 -1.26 39.74
CA ARG D 19 -12.32 -1.80 38.58
C ARG D 19 -11.53 -1.69 37.28
N TYR D 20 -10.86 -0.56 37.08
CA TYR D 20 -10.10 -0.35 35.84
C TYR D 20 -8.59 -0.49 36.07
N GLY D 21 -8.24 -1.28 37.07
CA GLY D 21 -6.86 -1.70 37.29
C GLY D 21 -5.84 -0.60 37.56
N THR D 22 -6.27 0.47 38.20
CA THR D 22 -5.36 1.55 38.54
C THR D 22 -5.42 1.88 40.04
N THR D 23 -4.82 3.00 40.41
CA THR D 23 -4.84 3.43 41.80
C THR D 23 -5.70 4.68 41.96
N VAL D 24 -6.09 4.98 43.20
CA VAL D 24 -6.91 6.14 43.48
C VAL D 24 -6.16 7.43 43.16
N GLU D 25 -4.88 7.46 43.51
CA GLU D 25 -4.04 8.63 43.30
C GLU D 25 -3.86 8.95 41.82
N GLU D 26 -3.72 7.90 41.00
CA GLU D 26 -3.56 8.09 39.57
C GLU D 26 -4.85 8.59 38.94
N LEU D 27 -5.98 8.16 39.49
CA LEU D 27 -7.28 8.63 39.04
C LEU D 27 -7.47 10.12 39.31
N MET D 28 -7.07 10.53 40.51
CA MET D 28 -7.19 11.93 40.92
C MET D 28 -6.24 12.83 40.14
N ARG D 29 -5.00 12.34 39.94
CA ARG D 29 -3.98 13.13 39.27
C ARG D 29 -4.34 13.39 37.82
N LEU D 30 -4.75 12.34 37.12
CA LEU D 30 -5.10 12.43 35.70
C LEU D 30 -6.32 13.32 35.48
N ASN D 31 -7.23 13.33 36.46
CA ASN D 31 -8.45 14.10 36.35
C ASN D 31 -8.39 15.41 37.14
N GLY D 32 -7.22 15.71 37.69
CA GLY D 32 -7.01 16.94 38.43
C GLY D 32 -7.96 17.11 39.59
N LEU D 33 -8.14 16.05 40.37
CA LEU D 33 -9.06 16.08 41.51
C LEU D 33 -8.31 16.26 42.83
N GLU D 34 -8.89 17.06 43.71
CA GLU D 34 -8.35 17.26 45.05
C GLU D 34 -9.29 16.66 46.09
N SER D 35 -10.56 16.56 45.73
CA SER D 35 -11.57 15.97 46.61
C SER D 35 -11.65 14.46 46.43
N PHE D 36 -11.72 13.74 47.53
CA PHE D 36 -11.82 12.29 47.51
C PHE D 36 -13.26 11.83 47.26
N LEU D 37 -14.19 12.78 47.25
CA LEU D 37 -15.59 12.47 47.01
C LEU D 37 -15.94 12.60 45.54
N LEU D 38 -16.78 11.69 45.04
CA LEU D 38 -17.21 11.72 43.65
C LEU D 38 -18.70 12.06 43.55
N GLN D 39 -19.05 12.86 42.56
CA GLN D 39 -20.44 13.25 42.34
C GLN D 39 -21.03 12.48 41.15
N PRO D 40 -22.28 12.03 41.29
CA PRO D 40 -22.99 11.34 40.20
C PRO D 40 -23.12 12.23 38.97
N GLY D 41 -22.55 11.79 37.85
CA GLY D 41 -22.58 12.56 36.62
C GLY D 41 -21.19 13.03 36.21
N GLN D 42 -20.24 12.91 37.13
CA GLN D 42 -18.86 13.31 36.87
C GLN D 42 -18.20 12.38 35.88
N VAL D 43 -17.42 12.93 34.96
CA VAL D 43 -16.72 12.13 33.95
C VAL D 43 -15.23 12.07 34.26
N LEU D 44 -14.69 10.85 34.31
CA LEU D 44 -13.29 10.64 34.63
C LEU D 44 -12.54 9.97 33.48
N LYS D 45 -11.35 10.48 33.18
CA LYS D 45 -10.47 9.81 32.22
C LYS D 45 -9.88 8.56 32.85
N LEU D 46 -9.82 7.49 32.07
CA LEU D 46 -9.27 6.22 32.57
C LEU D 46 -7.82 6.07 32.15
N PRO D 47 -6.92 5.92 33.13
CA PRO D 47 -5.50 5.68 32.87
C PRO D 47 -5.27 4.35 32.17
N SER D 48 -4.70 4.39 30.98
CA SER D 48 -4.49 3.20 30.18
C SER D 48 -3.37 2.32 30.73
N ARG D 49 -3.55 1.01 30.63
CA ARG D 49 -2.52 0.06 31.01
C ARG D 49 -1.80 -0.44 29.78
N GLU D 50 -0.67 -1.12 29.99
CA GLU D 50 0.14 -1.62 28.89
C GLU D 50 -0.63 -2.68 28.08
N ARG D 51 -0.54 -2.59 26.76
CA ARG D 51 -1.26 -3.49 25.88
C ARG D 51 -0.38 -4.61 25.37
N THR D 52 -1.01 -5.68 24.90
CA THR D 52 -0.29 -6.86 24.44
C THR D 52 -0.88 -7.39 23.14
N HIS D 53 -0.02 -7.87 22.25
CA HIS D 53 -0.48 -8.53 21.04
C HIS D 53 0.26 -9.85 20.83
N VAL D 54 -0.50 -10.90 20.60
CA VAL D 54 0.09 -12.20 20.29
C VAL D 54 0.19 -12.35 18.78
N VAL D 55 1.42 -12.31 18.27
CA VAL D 55 1.68 -12.32 16.83
C VAL D 55 0.95 -13.46 16.12
N ALA D 56 0.16 -13.08 15.11
CA ALA D 56 -0.65 -13.99 14.33
C ALA D 56 -0.11 -14.09 12.90
N PRO D 57 -0.50 -15.15 12.16
CA PRO D 57 -0.06 -15.31 10.78
C PRO D 57 -0.28 -14.06 9.91
N GLY D 58 0.81 -13.50 9.40
CA GLY D 58 0.73 -12.37 8.50
C GLY D 58 1.05 -11.04 9.15
N ASP D 59 1.20 -11.03 10.47
CA ASP D 59 1.51 -9.80 11.19
C ASP D 59 2.94 -9.35 10.93
N THR D 60 3.10 -8.04 10.74
CA THR D 60 4.42 -7.43 10.64
C THR D 60 4.52 -6.32 11.68
N LEU D 61 5.75 -5.98 12.08
CA LEU D 61 5.94 -4.88 13.02
C LEU D 61 5.40 -3.56 12.48
N PHE D 62 5.50 -3.38 11.16
CA PHE D 62 5.00 -2.17 10.52
C PHE D 62 3.50 -2.05 10.68
N SER D 63 2.79 -3.14 10.36
CA SER D 63 1.33 -3.16 10.44
C SER D 63 0.86 -3.00 11.88
N LEU D 64 1.56 -3.64 12.81
CA LEU D 64 1.17 -3.60 14.21
C LEU D 64 1.41 -2.21 14.81
N ALA D 65 2.50 -1.56 14.41
CA ALA D 65 2.81 -0.22 14.89
C ALA D 65 1.72 0.77 14.48
N ARG D 66 1.26 0.65 13.24
CA ARG D 66 0.18 1.51 12.74
C ARG D 66 -1.12 1.21 13.46
N ARG D 67 -1.40 -0.07 13.63
CA ARG D 67 -2.64 -0.52 14.27
C ARG D 67 -2.79 0.03 15.68
N TYR D 68 -1.69 0.06 16.44
CA TYR D 68 -1.75 0.48 17.83
C TYR D 68 -1.22 1.89 18.05
N GLY D 69 -1.12 2.66 16.98
CA GLY D 69 -0.77 4.06 17.08
C GLY D 69 0.61 4.33 17.67
N THR D 70 1.58 3.52 17.29
CA THR D 70 2.95 3.73 17.72
C THR D 70 3.88 3.66 16.51
N THR D 71 5.16 3.43 16.75
CA THR D 71 6.13 3.30 15.67
C THR D 71 6.86 1.97 15.76
N VAL D 72 7.49 1.58 14.66
CA VAL D 72 8.25 0.34 14.60
C VAL D 72 9.45 0.41 15.55
N GLU D 73 10.13 1.56 15.55
CA GLU D 73 11.27 1.78 16.44
C GLU D 73 10.88 1.62 17.91
N ALA D 74 9.76 2.23 18.29
CA ALA D 74 9.28 2.15 19.67
C ALA D 74 8.89 0.72 20.02
N LEU D 75 8.36 -0.01 19.05
CA LEU D 75 7.96 -1.39 19.24
C LEU D 75 9.15 -2.28 19.53
N MET D 76 10.21 -2.11 18.75
CA MET D 76 11.40 -2.92 18.90
C MET D 76 12.15 -2.59 20.18
N ARG D 77 12.17 -1.29 20.52
CA ARG D 77 12.83 -0.85 21.75
C ARG D 77 12.17 -1.46 22.98
N LEU D 78 10.85 -1.43 23.00
CA LEU D 78 10.10 -1.92 24.16
C LEU D 78 10.27 -3.43 24.32
N ASN D 79 10.43 -4.14 23.21
CA ASN D 79 10.55 -5.60 23.26
C ASN D 79 11.99 -6.09 23.11
N GLY D 80 12.92 -5.15 23.01
CA GLY D 80 14.33 -5.49 22.88
C GLY D 80 14.63 -6.28 21.63
N LEU D 81 14.00 -5.89 20.52
CA LEU D 81 14.18 -6.59 19.24
C LEU D 81 15.32 -5.98 18.42
N SER D 82 16.14 -6.84 17.84
CA SER D 82 17.26 -6.40 17.02
C SER D 82 16.90 -6.44 15.53
N SER D 83 16.09 -7.41 15.16
CA SER D 83 15.62 -7.54 13.78
C SER D 83 14.09 -7.41 13.76
N PRO D 84 13.54 -6.90 12.64
CA PRO D 84 12.10 -6.71 12.50
C PRO D 84 11.34 -8.03 12.32
N GLU D 85 12.06 -9.14 12.24
CA GLU D 85 11.45 -10.45 12.05
C GLU D 85 10.64 -10.87 13.28
N ILE D 86 9.40 -11.30 13.05
CA ILE D 86 8.55 -11.83 14.11
C ILE D 86 7.88 -13.12 13.68
N LYS D 87 7.70 -14.04 14.61
CA LYS D 87 7.08 -15.32 14.32
C LYS D 87 5.75 -15.49 15.04
N VAL D 88 4.92 -16.39 14.54
CA VAL D 88 3.61 -16.65 15.11
C VAL D 88 3.71 -17.19 16.53
N GLY D 89 2.97 -16.58 17.45
CA GLY D 89 2.98 -16.99 18.84
C GLY D 89 3.83 -16.07 19.69
N GLN D 90 4.57 -15.18 19.04
CA GLN D 90 5.39 -14.22 19.75
C GLN D 90 4.52 -13.21 20.48
N VAL D 91 4.89 -12.90 21.72
CA VAL D 91 4.12 -11.96 22.53
C VAL D 91 4.81 -10.61 22.54
N LEU D 92 4.16 -9.62 21.95
CA LEU D 92 4.73 -8.28 21.87
C LEU D 92 4.07 -7.34 22.88
N ARG D 93 4.90 -6.61 23.60
CA ARG D 93 4.45 -5.50 24.43
C ARG D 93 4.27 -4.27 23.54
N LEU D 94 3.27 -3.46 23.85
CA LEU D 94 2.95 -2.32 22.99
C LEU D 94 3.09 -0.98 23.70
N PRO D 95 3.66 0.01 23.01
CA PRO D 95 3.63 1.41 23.44
C PRO D 95 2.21 1.89 23.68
N GLU D 96 2.07 3.04 24.33
CA GLU D 96 0.81 3.35 25.02
C GLU D 96 -0.34 3.90 24.17
N GLU D 97 -0.06 4.50 23.01
CA GLU D 97 -1.12 5.17 22.25
C GLU D 97 -2.02 4.20 21.48
#